data_1DG3
#
_entry.id   1DG3
#
_cell.length_a   155.470
_cell.length_b   41.030
_cell.length_c   121.000
_cell.angle_alpha   90.00
_cell.angle_beta   109.42
_cell.angle_gamma   90.00
#
_symmetry.space_group_name_H-M   'C 1 2 1'
#
loop_
_entity.id
_entity.type
_entity.pdbx_description
1 polymer 'PROTEIN (INTERFERON-INDUCED GUANYLATE-BINDING PROTEIN 1)'
2 water water
#
_entity_poly.entity_id   1
_entity_poly.type   'polypeptide(L)'
_entity_poly.pdbx_seq_one_letter_code
;MASEIHMTGPMCLIENTNGRLMANPEALKILSAITQPMVVVAIVGLYRTGKSYLMNKLAGKKKGFSLGSTVQSHTKGIWM
WCVPHPKKPGHILVLLDTEGLGDVEKGDNQNDSWIFALAVLLSSTFVYNSIGTINQQAMDQLYYVTELTHRIRSKSSPDE
NENEVEDSADFVSFFPDFVWTLRDFSLDLEADGQPLTPDEYLTYSLKLKKGTSQKDETFNLPRLCIRKFFPKKKCFVFDR
PVHRRKLAQLEKLQDEELDPEFVQQVADFCSYIFSNSKTKTLSGGIQVNGPRLESLVLTYVNAISSGDLPCMENAVLALA
QIENSAAVQKAIAHYEQQMGQKVQLPTESLQELLDLHRDSEREAIEVFIRSSFKDVDHLFQKELAAQLEKKRDDFCKQNQ
EASSDRCSGLLQVIFSPLEEEVKAGIYSKPGGYRLFVQKLQDLKKKYYEEPRKGIQAEEILQTYLKSKESMTDAILQTDQ
TLTEKEKEIEVERVKAESAQASAKMLHEMQRKNEQMMEQKERSYQEHLKQLTEKMENDRVQLLKEQERTLALKLQEQEQL
LKEGFQKESRIMKNEIQDLQTKMRRRKACTIS
;
_entity_poly.pdbx_strand_id   A
#
# COMPACT_ATOMS: atom_id res chain seq x y z
N HIS A 6 26.73 8.33 -0.35
CA HIS A 6 25.75 7.82 0.64
C HIS A 6 26.15 8.29 2.04
N MET A 7 25.91 7.46 3.06
CA MET A 7 26.26 7.82 4.44
C MET A 7 27.72 7.54 4.75
N THR A 8 28.46 8.60 5.08
CA THR A 8 29.87 8.45 5.40
C THR A 8 30.05 7.71 6.73
N GLY A 9 29.10 7.87 7.64
CA GLY A 9 29.17 7.20 8.92
C GLY A 9 27.84 7.22 9.67
N PRO A 10 27.79 6.63 10.88
CA PRO A 10 26.54 6.60 11.65
C PRO A 10 26.03 8.01 11.93
N MET A 11 24.72 8.12 12.06
CA MET A 11 24.05 9.38 12.34
C MET A 11 23.01 9.10 13.43
N CYS A 12 22.83 10.03 14.35
CA CYS A 12 21.85 9.83 15.40
C CYS A 12 20.45 9.89 14.80
N LEU A 13 19.63 8.89 15.11
CA LEU A 13 18.27 8.84 14.57
C LEU A 13 17.26 9.27 15.64
N ILE A 14 17.40 8.70 16.83
CA ILE A 14 16.56 9.05 17.96
C ILE A 14 17.53 9.47 19.05
N GLU A 15 17.53 10.76 19.38
CA GLU A 15 18.41 11.29 20.40
C GLU A 15 17.78 11.15 21.77
N ASN A 16 18.61 10.80 22.75
CA ASN A 16 18.17 10.63 24.12
C ASN A 16 19.05 11.54 24.98
N THR A 17 18.52 12.71 25.33
CA THR A 17 19.27 13.68 26.13
C THR A 17 18.44 14.31 27.24
N ASN A 18 18.92 14.20 28.47
CA ASN A 18 18.24 14.74 29.64
C ASN A 18 16.71 14.47 29.69
N GLY A 19 16.32 13.21 29.44
CA GLY A 19 14.92 12.73 29.67
C GLY A 19 13.93 12.80 28.47
N ARG A 20 14.32 13.34 27.35
CA ARG A 20 13.38 13.44 26.20
C ARG A 20 13.93 12.67 24.99
N LEU A 21 13.01 12.08 24.23
CA LEU A 21 13.34 11.30 23.02
C LEU A 21 13.06 12.13 21.77
N MET A 22 14.07 12.42 20.98
CA MET A 22 13.86 13.26 19.81
C MET A 22 14.32 12.62 18.51
N ALA A 23 13.39 12.49 17.57
CA ALA A 23 13.71 11.93 16.27
C ALA A 23 14.47 13.01 15.53
N ASN A 24 15.67 12.67 15.06
CA ASN A 24 16.49 13.63 14.34
C ASN A 24 15.97 13.86 12.91
N PRO A 25 15.45 15.07 12.64
CA PRO A 25 14.90 15.43 11.32
C PRO A 25 15.84 15.15 10.15
N GLU A 26 17.14 15.32 10.38
CA GLU A 26 18.12 15.09 9.33
C GLU A 26 18.20 13.60 9.00
N ALA A 27 18.01 12.77 10.01
CA ALA A 27 18.06 11.33 9.82
C ALA A 27 16.80 10.89 9.09
N LEU A 28 15.66 11.45 9.50
CA LEU A 28 14.39 11.11 8.87
C LEU A 28 14.39 11.52 7.41
N LYS A 29 14.92 12.69 7.12
CA LYS A 29 14.97 13.17 5.73
C LYS A 29 15.73 12.16 4.89
N ILE A 30 16.81 11.61 5.43
CA ILE A 30 17.59 10.62 4.72
C ILE A 30 16.73 9.37 4.49
N LEU A 31 16.00 8.96 5.51
CA LEU A 31 15.15 7.78 5.40
C LEU A 31 14.04 7.98 4.37
N SER A 32 13.45 9.17 4.36
CA SER A 32 12.36 9.47 3.43
C SER A 32 12.74 9.35 1.96
N ALA A 33 14.04 9.34 1.67
CA ALA A 33 14.50 9.23 0.29
C ALA A 33 14.94 7.83 -0.11
N ILE A 34 15.07 6.93 0.86
CA ILE A 34 15.50 5.56 0.59
C ILE A 34 14.28 4.69 0.22
N THR A 35 14.08 4.46 -1.07
CA THR A 35 12.94 3.70 -1.55
C THR A 35 13.05 2.18 -1.46
N GLN A 36 14.27 1.68 -1.36
CA GLN A 36 14.48 0.24 -1.31
C GLN A 36 14.15 -0.40 0.04
N PRO A 37 13.81 -1.70 0.01
CA PRO A 37 13.47 -2.49 1.20
C PRO A 37 14.73 -2.62 2.07
N MET A 38 14.50 -2.59 3.38
CA MET A 38 15.61 -2.64 4.34
C MET A 38 15.68 -3.86 5.24
N VAL A 39 16.91 -4.28 5.51
CA VAL A 39 17.18 -5.36 6.44
C VAL A 39 17.69 -4.50 7.60
N VAL A 40 17.06 -4.60 8.77
CA VAL A 40 17.46 -3.76 9.91
C VAL A 40 18.07 -4.59 11.04
N VAL A 41 19.34 -4.32 11.35
CA VAL A 41 20.04 -5.05 12.38
C VAL A 41 20.38 -4.09 13.53
N ALA A 42 19.88 -4.40 14.73
CA ALA A 42 20.18 -3.56 15.89
C ALA A 42 21.38 -4.15 16.64
N ILE A 43 22.31 -3.29 17.06
CA ILE A 43 23.50 -3.71 17.81
C ILE A 43 23.31 -3.04 19.18
N VAL A 44 23.06 -3.87 20.19
CA VAL A 44 22.75 -3.39 21.54
C VAL A 44 23.72 -3.85 22.63
N GLY A 45 24.01 -2.95 23.57
CA GLY A 45 24.91 -3.28 24.67
C GLY A 45 25.72 -2.10 25.19
N LEU A 46 26.53 -2.32 26.22
CA LEU A 46 27.36 -1.24 26.78
C LEU A 46 28.55 -0.95 25.86
N TYR A 47 29.14 0.23 26.02
CA TYR A 47 30.28 0.63 25.20
C TYR A 47 31.45 -0.34 25.36
N ARG A 48 31.69 -0.74 26.60
CA ARG A 48 32.79 -1.64 26.94
C ARG A 48 32.80 -2.96 26.17
N THR A 49 31.64 -3.34 25.63
CA THR A 49 31.53 -4.58 24.88
C THR A 49 32.23 -4.54 23.52
N GLY A 50 32.57 -3.33 23.07
CA GLY A 50 33.26 -3.20 21.79
C GLY A 50 32.39 -3.62 20.62
N LYS A 51 31.09 -3.43 20.76
CA LYS A 51 30.15 -3.79 19.71
C LYS A 51 30.39 -2.87 18.51
N SER A 52 31.08 -1.76 18.77
CA SER A 52 31.38 -0.79 17.73
C SER A 52 32.21 -1.43 16.61
N TYR A 53 33.03 -2.41 16.97
CA TYR A 53 33.86 -3.11 16.00
C TYR A 53 32.96 -3.93 15.08
N LEU A 54 32.01 -4.65 15.67
CA LEU A 54 31.09 -5.47 14.89
C LEU A 54 30.28 -4.60 13.93
N MET A 55 29.94 -3.40 14.36
CA MET A 55 29.17 -2.50 13.53
C MET A 55 29.96 -2.05 12.30
N ASN A 56 31.24 -1.76 12.49
CA ASN A 56 32.08 -1.34 11.37
C ASN A 56 32.26 -2.47 10.36
N LYS A 57 32.39 -3.70 10.86
CA LYS A 57 32.54 -4.86 10.00
C LYS A 57 31.27 -5.08 9.18
N LEU A 58 30.12 -4.93 9.82
CA LEU A 58 28.84 -5.12 9.13
C LEU A 58 28.62 -4.01 8.12
N ALA A 59 29.10 -2.81 8.43
CA ALA A 59 28.94 -1.69 7.50
C ALA A 59 29.95 -1.80 6.38
N GLY A 60 30.77 -2.86 6.42
CA GLY A 60 31.78 -3.06 5.39
C GLY A 60 32.90 -2.03 5.48
N LYS A 61 32.91 -1.23 6.53
CA LYS A 61 33.93 -0.20 6.70
C LYS A 61 35.32 -0.81 6.89
N LYS A 62 36.32 -0.09 6.42
CA LYS A 62 37.73 -0.49 6.53
C LYS A 62 38.52 0.13 5.38
N HIS A 74 29.33 11.17 24.28
CA HIS A 74 28.73 11.40 22.94
C HIS A 74 27.20 11.31 22.99
N THR A 75 26.53 11.90 21.99
CA THR A 75 25.07 11.91 21.92
C THR A 75 24.49 10.50 22.05
N LYS A 76 23.63 10.30 23.05
CA LYS A 76 23.03 9.00 23.30
C LYS A 76 21.78 8.71 22.46
N GLY A 77 21.26 7.49 22.61
CA GLY A 77 20.07 7.08 21.89
C GLY A 77 20.35 6.01 20.84
N ILE A 78 19.63 6.08 19.72
CA ILE A 78 19.83 5.12 18.65
C ILE A 78 20.41 5.78 17.42
N TRP A 79 21.56 5.28 17.00
CA TRP A 79 22.24 5.79 15.84
C TRP A 79 21.99 4.82 14.70
N MET A 80 21.91 5.35 13.49
CA MET A 80 21.68 4.52 12.31
C MET A 80 22.81 4.68 11.31
N TRP A 81 23.03 3.63 10.53
CA TRP A 81 24.05 3.64 9.51
C TRP A 81 23.49 2.83 8.34
N CYS A 82 23.03 3.54 7.31
CA CYS A 82 22.45 2.92 6.13
C CYS A 82 23.49 2.75 5.04
N VAL A 83 23.63 1.51 4.57
CA VAL A 83 24.56 1.18 3.50
C VAL A 83 23.92 0.19 2.55
N PRO A 84 24.45 0.07 1.33
CA PRO A 84 23.82 -0.90 0.42
C PRO A 84 24.08 -2.28 1.01
N HIS A 85 23.11 -3.18 0.88
CA HIS A 85 23.28 -4.52 1.41
C HIS A 85 24.25 -5.27 0.50
N PRO A 86 25.37 -5.74 1.06
CA PRO A 86 26.43 -6.47 0.36
C PRO A 86 26.05 -7.75 -0.38
N LYS A 87 25.05 -8.47 0.11
CA LYS A 87 24.64 -9.72 -0.52
C LYS A 87 23.22 -9.72 -1.11
N LYS A 88 22.48 -8.64 -0.86
CA LYS A 88 21.11 -8.54 -1.35
C LYS A 88 20.94 -7.31 -2.23
N PRO A 89 21.08 -7.48 -3.54
CA PRO A 89 20.92 -6.33 -4.44
C PRO A 89 19.53 -5.70 -4.30
N GLY A 90 19.46 -4.38 -4.44
CA GLY A 90 18.18 -3.69 -4.33
C GLY A 90 17.70 -3.53 -2.90
N HIS A 91 18.50 -3.97 -1.94
CA HIS A 91 18.15 -3.83 -0.53
C HIS A 91 19.19 -2.96 0.17
N ILE A 92 18.76 -2.32 1.24
CA ILE A 92 19.63 -1.46 2.04
C ILE A 92 19.78 -2.14 3.41
N LEU A 93 21.00 -2.11 3.95
CA LEU A 93 21.30 -2.68 5.26
C LEU A 93 21.26 -1.51 6.21
N VAL A 94 20.40 -1.57 7.21
CA VAL A 94 20.28 -0.48 8.18
C VAL A 94 20.79 -0.99 9.52
N LEU A 95 21.86 -0.38 10.00
CA LEU A 95 22.43 -0.76 11.28
C LEU A 95 21.94 0.23 12.31
N LEU A 96 21.41 -0.28 13.42
CA LEU A 96 20.92 0.59 14.50
C LEU A 96 21.84 0.25 15.67
N ASP A 97 22.39 1.28 16.30
CA ASP A 97 23.33 1.07 17.39
C ASP A 97 22.89 1.87 18.61
N THR A 98 22.86 1.25 19.78
CA THR A 98 22.48 1.97 20.99
C THR A 98 23.72 2.62 21.56
N GLU A 99 23.63 3.91 21.84
CA GLU A 99 24.74 4.66 22.41
C GLU A 99 24.32 5.17 23.77
N GLY A 100 25.15 4.91 24.79
CA GLY A 100 24.87 5.38 26.12
C GLY A 100 24.04 4.45 26.99
N LEU A 101 23.57 3.35 26.43
CA LEU A 101 22.74 2.41 27.17
C LEU A 101 23.49 1.82 28.35
N GLY A 102 23.01 2.13 29.56
CA GLY A 102 23.65 1.62 30.76
C GLY A 102 25.00 2.24 31.04
N ASP A 103 25.36 3.26 30.27
CA ASP A 103 26.66 3.92 30.45
C ASP A 103 26.60 5.24 31.24
N VAL A 104 25.39 5.66 31.59
CA VAL A 104 25.21 6.90 32.35
C VAL A 104 24.26 6.71 33.54
N GLU A 105 24.48 5.67 34.33
CA GLU A 105 23.63 5.39 35.49
C GLU A 105 23.63 6.56 36.50
N LYS A 106 24.70 7.36 36.49
CA LYS A 106 24.76 8.50 37.42
C LYS A 106 24.28 9.78 36.73
N GLY A 107 23.83 9.65 35.48
CA GLY A 107 23.36 10.79 34.73
C GLY A 107 21.93 10.63 34.20
N ASP A 108 21.71 11.07 32.97
CA ASP A 108 20.38 11.00 32.37
C ASP A 108 20.05 9.62 31.76
N ASN A 109 19.83 8.64 32.63
CA ASN A 109 19.52 7.27 32.20
C ASN A 109 18.04 6.91 32.28
N GLN A 110 17.18 7.92 32.33
CA GLN A 110 15.73 7.68 32.43
C GLN A 110 15.04 7.05 31.20
N ASN A 111 15.70 7.07 30.04
CA ASN A 111 15.09 6.49 28.84
C ASN A 111 15.71 5.16 28.37
N ASP A 112 16.61 4.58 29.17
CA ASP A 112 17.26 3.34 28.77
C ASP A 112 16.33 2.19 28.38
N SER A 113 15.25 1.98 29.12
CA SER A 113 14.32 0.89 28.80
C SER A 113 13.56 1.16 27.50
N TRP A 114 13.29 2.44 27.22
CA TRP A 114 12.60 2.84 26.00
C TRP A 114 13.50 2.57 24.80
N ILE A 115 14.80 2.86 24.94
CA ILE A 115 15.77 2.66 23.86
C ILE A 115 15.85 1.18 23.48
N PHE A 116 15.90 0.32 24.48
CA PHE A 116 15.95 -1.13 24.26
C PHE A 116 14.69 -1.58 23.52
N ALA A 117 13.53 -1.16 24.01
CA ALA A 117 12.25 -1.51 23.41
C ALA A 117 12.13 -1.00 21.96
N LEU A 118 12.60 0.21 21.70
CA LEU A 118 12.52 0.76 20.35
C LEU A 118 13.43 -0.05 19.41
N ALA A 119 14.59 -0.49 19.90
CA ALA A 119 15.51 -1.29 19.08
C ALA A 119 14.81 -2.61 18.70
N VAL A 120 14.00 -3.14 19.62
CA VAL A 120 13.26 -4.37 19.34
C VAL A 120 12.17 -4.12 18.25
N LEU A 121 11.39 -3.05 18.39
CA LEU A 121 10.33 -2.73 17.44
C LEU A 121 10.78 -2.37 16.03
N LEU A 122 11.94 -1.76 15.92
CA LEU A 122 12.41 -1.30 14.61
C LEU A 122 13.26 -2.26 13.81
N SER A 123 13.68 -3.37 14.41
CA SER A 123 14.59 -4.28 13.74
C SER A 123 14.11 -5.64 13.20
N SER A 124 14.95 -6.21 12.35
CA SER A 124 14.75 -7.54 11.74
C SER A 124 15.51 -8.53 12.61
N THR A 125 16.70 -8.11 13.04
CA THR A 125 17.60 -8.92 13.86
C THR A 125 18.08 -8.05 15.02
N PHE A 126 18.08 -8.63 16.21
CA PHE A 126 18.47 -7.94 17.45
C PHE A 126 19.75 -8.56 18.02
N VAL A 127 20.88 -7.87 17.85
CA VAL A 127 22.16 -8.37 18.35
C VAL A 127 22.51 -7.78 19.70
N TYR A 128 22.45 -8.61 20.74
CA TYR A 128 22.79 -8.18 22.09
C TYR A 128 24.23 -8.63 22.39
N ASN A 129 25.06 -7.67 22.79
CA ASN A 129 26.48 -7.89 23.07
C ASN A 129 26.85 -7.76 24.53
N SER A 130 27.64 -8.71 25.03
CA SER A 130 28.13 -8.67 26.42
C SER A 130 29.51 -9.33 26.48
N ILE A 131 30.21 -9.17 27.59
CA ILE A 131 31.56 -9.73 27.74
C ILE A 131 31.64 -10.92 28.68
N GLY A 132 32.46 -11.90 28.30
CA GLY A 132 32.66 -13.07 29.12
C GLY A 132 31.70 -14.23 28.93
N THR A 133 30.93 -14.52 29.97
CA THR A 133 29.99 -15.62 29.92
C THR A 133 28.58 -15.14 30.29
N ILE A 134 27.63 -16.07 30.23
CA ILE A 134 26.26 -15.75 30.59
C ILE A 134 26.10 -16.17 32.05
N ASN A 135 26.31 -15.23 32.95
CA ASN A 135 26.19 -15.50 34.37
C ASN A 135 25.12 -14.62 35.00
N GLN A 136 25.07 -14.57 36.33
CA GLN A 136 24.09 -13.76 37.03
C GLN A 136 24.19 -12.30 36.64
N GLN A 137 25.41 -11.78 36.60
CA GLN A 137 25.65 -10.39 36.25
C GLN A 137 25.17 -10.10 34.82
N ALA A 138 25.42 -11.05 33.91
CA ALA A 138 25.02 -10.87 32.51
C ALA A 138 23.50 -10.75 32.39
N MET A 139 22.76 -11.58 33.11
CA MET A 139 21.30 -11.55 33.06
C MET A 139 20.72 -10.29 33.70
N ASP A 140 21.32 -9.84 34.80
CA ASP A 140 20.84 -8.64 35.47
C ASP A 140 20.96 -7.40 34.60
N GLN A 141 22.02 -7.35 33.80
CA GLN A 141 22.26 -6.22 32.91
C GLN A 141 21.26 -6.24 31.75
N LEU A 142 20.69 -7.42 31.51
CA LEU A 142 19.71 -7.59 30.44
C LEU A 142 18.29 -7.47 30.98
N TYR A 143 18.13 -6.81 32.13
CA TYR A 143 16.82 -6.64 32.75
C TYR A 143 15.79 -5.99 31.83
N TYR A 144 16.26 -5.22 30.85
CA TYR A 144 15.34 -4.55 29.92
C TYR A 144 14.35 -5.51 29.27
N VAL A 145 14.78 -6.74 29.05
CA VAL A 145 13.93 -7.73 28.41
C VAL A 145 12.69 -8.02 29.23
N THR A 146 12.78 -7.85 30.56
CA THR A 146 11.64 -8.10 31.45
C THR A 146 10.67 -6.93 31.53
N GLU A 147 10.98 -5.84 30.84
CA GLU A 147 10.10 -4.67 30.85
C GLU A 147 9.34 -4.52 29.52
N LEU A 148 9.64 -5.38 28.56
CA LEU A 148 8.98 -5.33 27.25
C LEU A 148 7.46 -5.43 27.32
N THR A 149 6.93 -6.31 28.18
CA THR A 149 5.48 -6.43 28.29
C THR A 149 4.83 -5.14 28.78
N HIS A 150 5.63 -4.26 29.39
CA HIS A 150 5.10 -2.99 29.89
C HIS A 150 5.39 -1.81 28.98
N ARG A 151 6.23 -2.00 27.98
CA ARG A 151 6.60 -0.91 27.10
C ARG A 151 6.21 -1.08 25.63
N ILE A 152 5.70 -2.25 25.28
CA ILE A 152 5.27 -2.52 23.91
C ILE A 152 3.87 -3.12 23.90
N ARG A 153 3.02 -2.62 23.00
CA ARG A 153 1.68 -3.15 22.88
C ARG A 153 1.53 -3.67 21.46
N SER A 154 0.96 -4.87 21.33
CA SER A 154 0.76 -5.48 20.02
C SER A 154 -0.51 -4.98 19.33
N LYS A 155 -1.63 -5.08 20.04
CA LYS A 155 -2.95 -4.70 19.51
C LYS A 155 -3.45 -3.31 19.90
N SER A 156 -4.21 -2.69 18.99
CA SER A 156 -4.78 -1.37 19.24
C SER A 156 -5.72 -1.41 20.44
N ASP A 167 -0.78 -8.03 25.85
CA ASP A 167 -0.82 -8.94 24.67
C ASP A 167 0.57 -9.44 24.27
N SER A 168 1.44 -9.67 25.25
CA SER A 168 2.79 -10.14 24.96
C SER A 168 2.83 -11.48 24.23
N ALA A 169 1.71 -12.19 24.20
CA ALA A 169 1.66 -13.48 23.51
C ALA A 169 1.84 -13.32 21.99
N ASP A 170 1.60 -12.12 21.48
CA ASP A 170 1.73 -11.85 20.05
C ASP A 170 3.14 -11.42 19.68
N PHE A 171 3.97 -11.12 20.67
CA PHE A 171 5.33 -10.66 20.43
C PHE A 171 6.13 -11.52 19.45
N VAL A 172 6.10 -12.84 19.62
CA VAL A 172 6.87 -13.72 18.76
C VAL A 172 6.53 -13.64 17.27
N SER A 173 5.33 -13.13 16.94
CA SER A 173 4.92 -13.02 15.56
C SER A 173 5.57 -11.84 14.83
N PHE A 174 6.10 -10.86 15.56
CA PHE A 174 6.73 -9.71 14.90
C PHE A 174 8.10 -9.30 15.41
N PHE A 175 8.56 -9.92 16.50
CA PHE A 175 9.87 -9.62 17.06
C PHE A 175 11.00 -10.10 16.14
N PRO A 176 12.15 -9.43 16.20
CA PRO A 176 13.31 -9.81 15.39
C PRO A 176 13.96 -11.08 15.92
N ASP A 177 14.80 -11.71 15.11
CA ASP A 177 15.50 -12.87 15.60
C ASP A 177 16.50 -12.32 16.62
N PHE A 178 16.83 -13.15 17.60
CA PHE A 178 17.73 -12.75 18.67
C PHE A 178 19.12 -13.34 18.53
N VAL A 179 20.15 -12.50 18.61
CA VAL A 179 21.53 -12.97 18.55
C VAL A 179 22.30 -12.45 19.76
N TRP A 180 22.94 -13.35 20.51
CA TRP A 180 23.73 -12.94 21.67
C TRP A 180 25.20 -13.17 21.34
N THR A 181 25.98 -12.08 21.30
CA THR A 181 27.40 -12.19 21.04
C THR A 181 28.17 -12.03 22.35
N LEU A 182 29.07 -12.97 22.61
CA LEU A 182 29.87 -12.97 23.83
C LEU A 182 31.33 -12.68 23.48
N ARG A 183 31.77 -11.46 23.80
CA ARG A 183 33.14 -11.03 23.55
C ARG A 183 34.09 -11.50 24.64
N ASP A 184 35.32 -11.80 24.24
CA ASP A 184 36.34 -12.29 25.17
C ASP A 184 35.83 -13.51 25.91
N PHE A 185 35.15 -14.40 25.19
CA PHE A 185 34.63 -15.60 25.81
C PHE A 185 35.75 -16.31 26.55
N SER A 186 35.56 -16.51 27.84
CA SER A 186 36.57 -17.14 28.68
C SER A 186 36.48 -18.65 28.76
N LEU A 187 35.31 -19.20 28.45
CA LEU A 187 35.11 -20.64 28.51
C LEU A 187 35.59 -21.37 27.27
N ASP A 188 35.86 -22.66 27.45
CA ASP A 188 36.32 -23.54 26.39
C ASP A 188 35.23 -24.58 26.16
N LEU A 189 34.46 -24.39 25.09
CA LEU A 189 33.38 -25.30 24.76
C LEU A 189 33.87 -26.49 23.94
N GLN A 194 28.18 -31.49 19.09
CA GLN A 194 29.58 -31.21 19.55
C GLN A 194 29.63 -31.13 21.07
N PRO A 195 30.82 -31.33 21.66
CA PRO A 195 30.98 -31.28 23.12
C PRO A 195 30.16 -30.15 23.73
N LEU A 196 29.99 -29.07 22.96
CA LEU A 196 29.21 -27.92 23.38
C LEU A 196 29.44 -26.77 22.43
N THR A 197 28.47 -26.50 21.56
CA THR A 197 28.58 -25.40 20.61
C THR A 197 28.01 -24.15 21.26
N PRO A 198 28.28 -22.97 20.69
CA PRO A 198 27.76 -21.74 21.28
C PRO A 198 26.22 -21.77 21.42
N ASP A 199 25.53 -22.23 20.39
CA ASP A 199 24.07 -22.30 20.47
C ASP A 199 23.60 -23.22 21.60
N GLU A 200 24.31 -24.32 21.80
CA GLU A 200 23.95 -25.25 22.87
C GLU A 200 24.25 -24.60 24.20
N TYR A 201 25.30 -23.79 24.24
CA TYR A 201 25.66 -23.08 25.45
C TYR A 201 24.52 -22.14 25.83
N LEU A 202 24.02 -21.40 24.84
CA LEU A 202 22.92 -20.46 25.06
C LEU A 202 21.65 -21.21 25.49
N THR A 203 21.35 -22.32 24.83
CA THR A 203 20.17 -23.11 25.19
C THR A 203 20.23 -23.52 26.66
N TYR A 204 21.37 -24.04 27.10
CA TYR A 204 21.50 -24.45 28.50
C TYR A 204 21.39 -23.24 29.42
N SER A 205 22.00 -22.13 29.00
CA SER A 205 21.97 -20.91 29.81
C SER A 205 20.55 -20.38 30.01
N LEU A 206 19.65 -20.70 29.08
CA LEU A 206 18.26 -20.26 29.19
C LEU A 206 17.31 -21.22 29.92
N LYS A 207 17.85 -22.27 30.53
CA LYS A 207 17.01 -23.24 31.25
C LYS A 207 16.47 -22.63 32.54
N LEU A 208 15.22 -22.96 32.89
CA LEU A 208 14.60 -22.41 34.08
C LEU A 208 14.94 -23.18 35.36
N LYS A 209 14.73 -22.52 36.49
CA LYS A 209 14.98 -23.08 37.82
C LYS A 209 13.65 -23.51 38.41
N LYS A 210 13.60 -24.72 38.96
CA LYS A 210 12.36 -25.20 39.57
C LYS A 210 12.22 -24.56 40.93
N GLY A 211 11.00 -24.54 41.45
CA GLY A 211 10.78 -23.92 42.75
C GLY A 211 10.04 -22.61 42.56
N THR A 212 9.40 -22.12 43.61
CA THR A 212 8.65 -20.88 43.50
C THR A 212 9.19 -19.76 44.40
N SER A 213 10.46 -19.86 44.78
CA SER A 213 11.06 -18.84 45.63
C SER A 213 11.21 -17.55 44.83
N GLN A 214 11.16 -16.42 45.53
CA GLN A 214 11.27 -15.12 44.88
C GLN A 214 12.53 -15.01 44.02
N LYS A 215 13.66 -15.48 44.54
CA LYS A 215 14.91 -15.40 43.82
C LYS A 215 14.86 -16.26 42.55
N ASP A 216 14.04 -17.31 42.59
CA ASP A 216 13.90 -18.19 41.44
C ASP A 216 13.10 -17.52 40.32
N GLU A 217 11.99 -16.89 40.67
CA GLU A 217 11.17 -16.21 39.68
C GLU A 217 12.00 -15.10 39.03
N THR A 218 12.89 -14.52 39.83
CA THR A 218 13.78 -13.44 39.37
C THR A 218 14.74 -14.02 38.34
N PHE A 219 15.16 -15.25 38.60
CA PHE A 219 16.10 -15.94 37.73
C PHE A 219 15.43 -16.37 36.42
N ASN A 220 14.18 -16.82 36.51
CA ASN A 220 13.45 -17.28 35.36
C ASN A 220 12.83 -16.24 34.44
N LEU A 221 12.47 -15.08 34.98
CA LEU A 221 11.83 -14.04 34.19
C LEU A 221 12.52 -13.71 32.86
N PRO A 222 13.77 -13.20 32.90
CA PRO A 222 14.45 -12.88 31.64
C PRO A 222 14.61 -14.06 30.70
N ARG A 223 14.79 -15.25 31.26
CA ARG A 223 14.93 -16.44 30.44
C ARG A 223 13.62 -16.76 29.73
N LEU A 224 12.50 -16.62 30.45
CA LEU A 224 11.18 -16.88 29.85
C LEU A 224 10.91 -15.85 28.74
N CYS A 225 11.26 -14.60 29.01
CA CYS A 225 11.05 -13.56 28.02
C CYS A 225 11.82 -13.86 26.73
N ILE A 226 13.09 -14.21 26.85
CA ILE A 226 13.90 -14.48 25.67
C ILE A 226 13.35 -15.65 24.89
N ARG A 227 13.05 -16.73 25.59
CA ARG A 227 12.52 -17.93 24.97
C ARG A 227 11.15 -17.76 24.30
N LYS A 228 10.27 -16.96 24.90
CA LYS A 228 8.93 -16.80 24.35
C LYS A 228 8.69 -15.62 23.40
N PHE A 229 9.53 -14.59 23.49
CA PHE A 229 9.32 -13.39 22.65
C PHE A 229 10.02 -13.39 21.28
N PHE A 230 11.20 -13.98 21.21
CA PHE A 230 11.98 -14.00 19.97
C PHE A 230 11.83 -15.33 19.21
N PRO A 231 11.48 -15.27 17.91
CA PRO A 231 11.27 -16.44 17.05
C PRO A 231 12.47 -17.36 16.83
N LYS A 232 13.67 -16.77 16.82
CA LYS A 232 14.90 -17.55 16.61
C LYS A 232 15.98 -17.00 17.53
N LYS A 233 16.89 -17.87 17.94
CA LYS A 233 17.99 -17.47 18.82
C LYS A 233 19.28 -18.02 18.24
N LYS A 234 20.35 -17.22 18.36
CA LYS A 234 21.66 -17.62 17.84
C LYS A 234 22.74 -17.02 18.76
N CYS A 235 23.81 -17.76 18.98
CA CYS A 235 24.88 -17.27 19.85
C CYS A 235 26.22 -17.35 19.15
N PHE A 236 27.05 -16.32 19.33
CA PHE A 236 28.39 -16.28 18.76
C PHE A 236 29.36 -15.92 19.87
N VAL A 237 30.50 -16.61 19.90
CA VAL A 237 31.52 -16.32 20.91
C VAL A 237 32.76 -15.80 20.21
N PHE A 238 33.50 -14.91 20.88
CA PHE A 238 34.69 -14.35 20.28
C PHE A 238 35.89 -14.40 21.23
N ASP A 239 37.07 -14.60 20.66
CA ASP A 239 38.31 -14.62 21.45
C ASP A 239 38.76 -13.18 21.50
N ARG A 240 39.77 -12.90 22.33
CA ARG A 240 40.29 -11.54 22.43
C ARG A 240 40.91 -11.16 21.09
N PRO A 241 40.81 -9.88 20.72
CA PRO A 241 41.37 -9.42 19.44
C PRO A 241 42.88 -9.63 19.33
N VAL A 242 43.62 -9.19 20.35
CA VAL A 242 45.07 -9.30 20.35
C VAL A 242 45.67 -10.10 21.49
N HIS A 243 46.97 -10.36 21.39
CA HIS A 243 47.74 -11.11 22.39
C HIS A 243 47.29 -12.56 22.51
N GLU A 257 48.93 -6.93 13.81
CA GLU A 257 47.59 -7.43 13.42
C GLU A 257 46.83 -8.08 14.57
N LEU A 258 45.66 -8.61 14.25
CA LEU A 258 44.81 -9.26 15.23
C LEU A 258 44.89 -10.79 15.12
N ASP A 259 44.74 -11.47 16.25
CA ASP A 259 44.79 -12.92 16.27
C ASP A 259 43.83 -13.45 15.22
N PRO A 260 44.27 -14.46 14.43
CA PRO A 260 43.45 -15.06 13.38
C PRO A 260 42.09 -15.58 13.81
N GLU A 261 42.04 -16.33 14.91
CA GLU A 261 40.78 -16.87 15.39
C GLU A 261 39.71 -15.80 15.52
N PHE A 262 40.09 -14.64 16.06
CA PHE A 262 39.16 -13.52 16.22
C PHE A 262 38.65 -13.04 14.87
N VAL A 263 39.57 -12.77 13.95
CA VAL A 263 39.19 -12.30 12.61
C VAL A 263 38.22 -13.23 11.92
N GLN A 264 38.41 -14.54 12.11
CA GLN A 264 37.55 -15.53 11.50
C GLN A 264 36.19 -15.63 12.18
N GLN A 265 36.15 -15.34 13.48
CA GLN A 265 34.90 -15.39 14.22
C GLN A 265 34.02 -14.22 13.79
N VAL A 266 34.65 -13.08 13.57
CA VAL A 266 33.94 -11.88 13.16
C VAL A 266 33.45 -12.07 11.72
N ALA A 267 34.23 -12.79 10.93
CA ALA A 267 33.86 -13.05 9.54
C ALA A 267 32.67 -14.00 9.50
N ASP A 268 32.68 -14.99 10.38
CA ASP A 268 31.60 -15.97 10.46
C ASP A 268 30.33 -15.32 10.98
N PHE A 269 30.50 -14.22 11.71
CA PHE A 269 29.37 -13.48 12.26
C PHE A 269 28.73 -12.63 11.18
N CYS A 270 29.55 -11.83 10.49
CA CYS A 270 29.06 -10.96 9.44
C CYS A 270 28.41 -11.78 8.32
N SER A 271 28.99 -12.93 8.03
CA SER A 271 28.45 -13.78 6.98
C SER A 271 27.06 -14.27 7.37
N TYR A 272 26.88 -14.61 8.64
CA TYR A 272 25.61 -15.08 9.13
C TYR A 272 24.55 -14.00 9.00
N ILE A 273 24.88 -12.78 9.39
CA ILE A 273 23.93 -11.66 9.30
C ILE A 273 23.58 -11.33 7.84
N PHE A 274 24.61 -11.26 7.00
CA PHE A 274 24.42 -10.94 5.59
C PHE A 274 23.53 -11.95 4.88
N SER A 275 23.60 -13.21 5.30
CA SER A 275 22.84 -14.29 4.67
C SER A 275 21.55 -14.73 5.38
N ASN A 276 21.40 -14.43 6.66
CA ASN A 276 20.22 -14.86 7.39
C ASN A 276 19.25 -13.77 7.85
N SER A 277 19.74 -12.55 8.06
CA SER A 277 18.85 -11.47 8.50
C SER A 277 17.84 -11.10 7.42
N LYS A 278 16.56 -11.17 7.78
CA LYS A 278 15.48 -10.88 6.83
C LYS A 278 15.09 -9.42 6.67
N THR A 279 14.40 -9.15 5.56
CA THR A 279 13.91 -7.82 5.26
C THR A 279 12.91 -7.52 6.38
N LYS A 280 12.94 -6.30 6.90
CA LYS A 280 12.04 -5.91 8.00
C LYS A 280 10.62 -5.87 7.44
N THR A 281 9.68 -6.53 8.10
CA THR A 281 8.32 -6.54 7.60
C THR A 281 7.29 -6.27 8.69
N LEU A 282 6.15 -5.75 8.28
CA LEU A 282 5.06 -5.49 9.21
C LEU A 282 3.92 -6.43 8.84
N SER A 283 2.91 -6.53 9.70
CA SER A 283 1.77 -7.40 9.45
C SER A 283 1.25 -7.29 8.02
N GLY A 284 0.94 -8.43 7.43
CA GLY A 284 0.44 -8.45 6.07
C GLY A 284 1.56 -8.60 5.05
N GLY A 285 2.78 -8.75 5.53
CA GLY A 285 3.92 -8.89 4.64
C GLY A 285 4.37 -7.59 4.00
N ILE A 286 4.08 -6.46 4.65
CA ILE A 286 4.49 -5.15 4.16
C ILE A 286 6.00 -5.01 4.37
N GLN A 287 6.77 -4.82 3.30
CA GLN A 287 8.22 -4.68 3.45
C GLN A 287 8.62 -3.25 3.77
N VAL A 288 9.39 -3.08 4.84
CA VAL A 288 9.79 -1.75 5.26
C VAL A 288 10.94 -1.11 4.48
N ASN A 289 10.66 0.05 3.91
CA ASN A 289 11.66 0.83 3.18
C ASN A 289 11.86 2.13 3.99
N GLY A 290 12.60 3.08 3.44
CA GLY A 290 12.86 4.33 4.14
C GLY A 290 11.67 5.11 4.69
N PRO A 291 10.71 5.50 3.83
CA PRO A 291 9.54 6.26 4.27
C PRO A 291 8.74 5.48 5.31
N ARG A 292 8.70 4.16 5.17
CA ARG A 292 7.96 3.34 6.13
C ARG A 292 8.71 3.32 7.47
N LEU A 293 10.04 3.21 7.45
CA LEU A 293 10.79 3.20 8.70
C LEU A 293 10.64 4.57 9.37
N GLU A 294 10.71 5.63 8.56
CA GLU A 294 10.54 6.99 9.06
C GLU A 294 9.21 7.09 9.81
N SER A 295 8.15 6.54 9.20
CA SER A 295 6.82 6.56 9.81
C SER A 295 6.81 5.85 11.17
N LEU A 296 7.37 4.64 11.20
CA LEU A 296 7.46 3.86 12.45
C LEU A 296 8.18 4.64 13.55
N VAL A 297 9.30 5.26 13.20
CA VAL A 297 10.06 6.03 14.19
C VAL A 297 9.20 7.17 14.76
N LEU A 298 8.57 7.94 13.89
CA LEU A 298 7.73 9.06 14.36
C LEU A 298 6.56 8.57 15.22
N THR A 299 5.89 7.52 14.78
CA THR A 299 4.75 6.99 15.52
C THR A 299 5.13 6.49 16.92
N TYR A 300 6.19 5.69 17.00
CA TYR A 300 6.63 5.13 18.27
C TYR A 300 7.19 6.20 19.20
N VAL A 301 7.96 7.14 18.66
CA VAL A 301 8.53 8.21 19.49
C VAL A 301 7.41 9.16 19.96
N ASN A 302 6.48 9.49 19.08
CA ASN A 302 5.38 10.37 19.44
C ASN A 302 4.52 9.70 20.51
N ALA A 303 4.34 8.40 20.41
CA ALA A 303 3.54 7.67 21.38
C ALA A 303 4.17 7.82 22.77
N ILE A 304 5.47 7.60 22.85
CA ILE A 304 6.20 7.69 24.13
C ILE A 304 6.18 9.12 24.67
N SER A 305 6.46 10.08 23.81
CA SER A 305 6.48 11.49 24.21
C SER A 305 5.07 11.99 24.54
N SER A 306 4.07 11.15 24.29
CA SER A 306 2.68 11.50 24.57
C SER A 306 2.14 10.74 25.78
N GLY A 307 3.03 10.02 26.46
CA GLY A 307 2.62 9.27 27.63
C GLY A 307 1.92 7.96 27.35
N ASP A 308 1.96 7.51 26.11
CA ASP A 308 1.32 6.26 25.70
C ASP A 308 2.38 5.20 25.40
N LEU A 309 1.91 4.02 25.01
CA LEU A 309 2.82 2.92 24.69
C LEU A 309 2.97 2.75 23.17
N PRO A 310 4.19 2.50 22.69
CA PRO A 310 4.38 2.31 21.24
C PRO A 310 3.54 1.09 20.90
N CYS A 311 2.68 1.23 19.90
CA CYS A 311 1.79 0.14 19.51
C CYS A 311 1.96 -0.23 18.03
N MET A 312 2.36 -1.47 17.79
CA MET A 312 2.59 -1.98 16.45
C MET A 312 1.39 -1.83 15.50
N GLU A 313 0.19 -2.23 15.93
CA GLU A 313 -1.00 -2.12 15.08
C GLU A 313 -1.27 -0.66 14.71
N ASN A 314 -1.13 0.24 15.68
CA ASN A 314 -1.34 1.67 15.45
C ASN A 314 -0.34 2.21 14.42
N ALA A 315 0.90 1.73 14.48
CA ALA A 315 1.92 2.17 13.53
C ALA A 315 1.49 1.76 12.12
N VAL A 316 0.99 0.55 11.97
CA VAL A 316 0.55 0.06 10.66
C VAL A 316 -0.65 0.89 10.15
N LEU A 317 -1.61 1.18 11.04
CA LEU A 317 -2.77 1.96 10.64
C LEU A 317 -2.38 3.38 10.20
N ALA A 318 -1.38 3.96 10.86
CA ALA A 318 -0.91 5.31 10.55
C ALA A 318 -0.29 5.33 9.16
N LEU A 319 0.52 4.30 8.87
CA LEU A 319 1.16 4.17 7.57
C LEU A 319 0.09 4.00 6.50
N ALA A 320 -0.94 3.21 6.82
CA ALA A 320 -2.04 2.96 5.90
C ALA A 320 -2.75 4.26 5.46
N GLN A 321 -2.98 5.17 6.40
CA GLN A 321 -3.64 6.45 6.09
C GLN A 321 -2.86 7.21 5.03
N ILE A 322 -1.54 7.22 5.16
CA ILE A 322 -0.70 7.93 4.21
C ILE A 322 -0.67 7.23 2.86
N GLU A 323 -0.36 5.94 2.87
CA GLU A 323 -0.27 5.19 1.62
C GLU A 323 -1.57 4.94 0.87
N ASN A 324 -2.69 4.81 1.60
CA ASN A 324 -3.97 4.62 0.93
C ASN A 324 -4.41 5.92 0.27
N SER A 325 -4.10 7.05 0.91
CA SER A 325 -4.45 8.34 0.34
C SER A 325 -3.68 8.49 -0.98
N ALA A 326 -2.40 8.11 -0.93
CA ALA A 326 -1.54 8.17 -2.11
C ALA A 326 -2.00 7.19 -3.19
N ALA A 327 -2.52 6.04 -2.76
CA ALA A 327 -3.02 5.02 -3.69
C ALA A 327 -4.20 5.54 -4.50
N VAL A 328 -5.10 6.29 -3.87
CA VAL A 328 -6.25 6.84 -4.58
C VAL A 328 -5.76 7.81 -5.65
N GLN A 329 -4.77 8.63 -5.30
CA GLN A 329 -4.22 9.61 -6.24
C GLN A 329 -3.54 8.92 -7.42
N LYS A 330 -2.75 7.91 -7.14
CA LYS A 330 -2.06 7.18 -8.20
C LYS A 330 -3.07 6.54 -9.14
N ALA A 331 -4.15 6.01 -8.57
CA ALA A 331 -5.19 5.35 -9.37
C ALA A 331 -5.90 6.37 -10.27
N ILE A 332 -6.27 7.52 -9.73
CA ILE A 332 -6.93 8.56 -10.52
C ILE A 332 -6.00 9.07 -11.61
N ALA A 333 -4.72 9.21 -11.28
CA ALA A 333 -3.73 9.67 -12.25
C ALA A 333 -3.63 8.68 -13.40
N HIS A 334 -3.67 7.40 -13.08
CA HIS A 334 -3.61 6.37 -14.12
C HIS A 334 -4.83 6.43 -15.01
N TYR A 335 -6.00 6.64 -14.40
CA TYR A 335 -7.25 6.72 -15.16
C TYR A 335 -7.20 7.90 -16.14
N GLU A 336 -6.82 9.07 -15.64
CA GLU A 336 -6.75 10.27 -16.46
C GLU A 336 -5.82 10.08 -17.64
N GLN A 337 -4.67 9.46 -17.40
CA GLN A 337 -3.69 9.20 -18.44
C GLN A 337 -4.27 8.32 -19.55
N GLN A 338 -4.83 7.17 -19.17
CA GLN A 338 -5.41 6.25 -20.14
C GLN A 338 -6.54 6.90 -20.94
N MET A 339 -7.49 7.52 -20.25
CA MET A 339 -8.60 8.17 -20.95
C MET A 339 -8.13 9.32 -21.83
N GLY A 340 -7.05 9.98 -21.39
CA GLY A 340 -6.52 11.09 -22.16
C GLY A 340 -5.90 10.67 -23.47
N GLN A 341 -5.42 9.43 -23.53
CA GLN A 341 -4.79 8.93 -24.74
C GLN A 341 -5.70 8.04 -25.59
N LYS A 342 -6.73 7.47 -24.97
CA LYS A 342 -7.64 6.59 -25.68
C LYS A 342 -8.99 7.18 -26.07
N VAL A 343 -9.29 8.37 -25.58
CA VAL A 343 -10.57 9.00 -25.89
C VAL A 343 -10.48 10.21 -26.82
N GLN A 344 -11.27 10.17 -27.88
CA GLN A 344 -11.33 11.25 -28.85
C GLN A 344 -12.81 11.59 -29.03
N LEU A 345 -13.25 12.71 -28.46
CA LEU A 345 -14.65 13.13 -28.56
C LEU A 345 -14.94 13.85 -29.87
N PRO A 346 -16.12 13.58 -30.47
CA PRO A 346 -17.12 12.66 -29.95
C PRO A 346 -16.81 11.21 -30.32
N THR A 347 -17.29 10.26 -29.52
CA THR A 347 -17.05 8.86 -29.83
C THR A 347 -18.14 8.43 -30.83
N GLU A 348 -17.91 7.33 -31.52
CA GLU A 348 -18.88 6.82 -32.49
C GLU A 348 -20.23 6.58 -31.83
N SER A 349 -20.20 5.92 -30.67
CA SER A 349 -21.42 5.61 -29.93
C SER A 349 -21.15 5.73 -28.43
N LEU A 350 -22.21 5.69 -27.64
CA LEU A 350 -22.06 5.77 -26.19
C LEU A 350 -21.32 4.55 -25.69
N GLN A 351 -21.63 3.39 -26.24
CA GLN A 351 -21.00 2.14 -25.83
C GLN A 351 -19.48 2.23 -25.98
N GLU A 352 -19.02 2.91 -27.01
CA GLU A 352 -17.58 3.04 -27.20
C GLU A 352 -17.00 3.80 -26.03
N LEU A 353 -17.67 4.87 -25.60
CA LEU A 353 -17.21 5.68 -24.48
C LEU A 353 -17.22 4.86 -23.19
N LEU A 354 -18.34 4.22 -22.91
CA LEU A 354 -18.48 3.42 -21.69
C LEU A 354 -17.47 2.28 -21.63
N ASP A 355 -17.13 1.71 -22.77
CA ASP A 355 -16.15 0.62 -22.82
C ASP A 355 -14.73 1.14 -22.53
N LEU A 356 -14.45 2.36 -22.98
CA LEU A 356 -13.13 2.94 -22.73
C LEU A 356 -13.04 3.25 -21.25
N HIS A 357 -14.12 3.78 -20.69
CA HIS A 357 -14.13 4.09 -19.27
C HIS A 357 -14.02 2.82 -18.44
N ARG A 358 -14.70 1.78 -18.90
CA ARG A 358 -14.69 0.50 -18.20
C ARG A 358 -13.28 -0.09 -18.09
N ASP A 359 -12.52 -0.06 -19.17
CA ASP A 359 -11.16 -0.59 -19.13
C ASP A 359 -10.22 0.27 -18.28
N SER A 360 -10.32 1.59 -18.42
CA SER A 360 -9.48 2.50 -17.65
C SER A 360 -9.79 2.40 -16.16
N GLU A 361 -11.07 2.25 -15.85
CA GLU A 361 -11.52 2.13 -14.47
C GLU A 361 -10.99 0.84 -13.85
N ARG A 362 -11.03 -0.24 -14.62
CA ARG A 362 -10.54 -1.54 -14.15
C ARG A 362 -9.06 -1.42 -13.82
N GLU A 363 -8.31 -0.75 -14.68
CA GLU A 363 -6.88 -0.57 -14.45
C GLU A 363 -6.60 0.36 -13.28
N ALA A 364 -7.43 1.38 -13.11
CA ALA A 364 -7.25 2.32 -12.02
C ALA A 364 -7.45 1.55 -10.71
N ILE A 365 -8.49 0.71 -10.65
CA ILE A 365 -8.75 -0.07 -9.43
C ILE A 365 -7.60 -1.02 -9.12
N GLU A 366 -7.00 -1.62 -10.16
CA GLU A 366 -5.88 -2.54 -9.96
C GLU A 366 -4.72 -1.77 -9.31
N VAL A 367 -4.50 -0.54 -9.79
CA VAL A 367 -3.43 0.28 -9.24
C VAL A 367 -3.68 0.55 -7.75
N PHE A 368 -4.92 0.91 -7.42
CA PHE A 368 -5.28 1.19 -6.03
C PHE A 368 -5.11 -0.03 -5.14
N ILE A 369 -5.65 -1.16 -5.58
CA ILE A 369 -5.59 -2.40 -4.81
C ILE A 369 -4.16 -2.85 -4.53
N ARG A 370 -3.30 -2.72 -5.53
CA ARG A 370 -1.90 -3.10 -5.41
C ARG A 370 -1.12 -2.21 -4.43
N SER A 371 -1.54 -0.95 -4.32
CA SER A 371 -0.84 0.01 -3.46
C SER A 371 -1.49 0.34 -2.13
N SER A 372 -2.60 -0.31 -1.80
CA SER A 372 -3.28 -0.04 -0.53
C SER A 372 -3.25 -1.23 0.42
N PHE A 373 -3.54 -0.98 1.69
CA PHE A 373 -3.59 -2.04 2.69
C PHE A 373 -4.31 -1.50 3.92
N LYS A 374 -4.99 -2.37 4.66
CA LYS A 374 -5.72 -1.96 5.86
C LYS A 374 -6.72 -0.83 5.58
N ASP A 375 -7.45 -0.91 4.47
CA ASP A 375 -8.41 0.12 4.13
C ASP A 375 -9.65 -0.14 4.99
N VAL A 376 -9.54 0.17 6.27
CA VAL A 376 -10.63 -0.03 7.22
C VAL A 376 -11.93 0.64 6.75
N ASP A 377 -12.99 -0.15 6.73
CA ASP A 377 -14.31 0.33 6.32
C ASP A 377 -14.33 0.68 4.84
N HIS A 378 -13.24 0.35 4.15
CA HIS A 378 -13.09 0.60 2.72
C HIS A 378 -13.37 2.05 2.33
N LEU A 379 -13.07 2.97 3.24
CA LEU A 379 -13.29 4.39 3.01
C LEU A 379 -12.49 4.93 1.83
N PHE A 380 -11.23 4.52 1.70
CA PHE A 380 -10.45 5.02 0.58
C PHE A 380 -10.96 4.51 -0.76
N GLN A 381 -11.37 3.26 -0.83
CA GLN A 381 -11.87 2.74 -2.11
C GLN A 381 -13.21 3.38 -2.47
N LYS A 382 -14.04 3.64 -1.47
CA LYS A 382 -15.32 4.27 -1.70
C LYS A 382 -15.09 5.66 -2.28
N GLU A 383 -14.04 6.33 -1.79
CA GLU A 383 -13.71 7.67 -2.28
C GLU A 383 -13.28 7.56 -3.74
N LEU A 384 -12.47 6.55 -4.05
CA LEU A 384 -12.00 6.35 -5.41
C LEU A 384 -13.18 6.08 -6.34
N ALA A 385 -14.11 5.24 -5.88
CA ALA A 385 -15.30 4.92 -6.68
C ALA A 385 -16.11 6.17 -7.01
N ALA A 386 -16.30 7.03 -6.00
CA ALA A 386 -17.06 8.25 -6.18
C ALA A 386 -16.40 9.13 -7.23
N GLN A 387 -15.07 9.26 -7.14
CA GLN A 387 -14.32 10.07 -8.08
C GLN A 387 -14.40 9.52 -9.50
N LEU A 388 -14.29 8.21 -9.63
CA LEU A 388 -14.35 7.59 -10.95
C LEU A 388 -15.75 7.74 -11.56
N GLU A 389 -16.79 7.68 -10.73
CA GLU A 389 -18.14 7.84 -11.26
C GLU A 389 -18.32 9.26 -11.81
N LYS A 390 -17.80 10.25 -11.08
CA LYS A 390 -17.89 11.64 -11.50
C LYS A 390 -17.16 11.83 -12.82
N LYS A 391 -16.03 11.14 -12.96
CA LYS A 391 -15.23 11.20 -14.18
C LYS A 391 -16.06 10.71 -15.36
N ARG A 392 -16.75 9.59 -15.17
CA ARG A 392 -17.58 9.02 -16.21
C ARG A 392 -18.66 10.01 -16.64
N ASP A 393 -19.36 10.59 -15.67
CA ASP A 393 -20.41 11.56 -15.97
C ASP A 393 -19.89 12.76 -16.75
N ASP A 394 -18.74 13.29 -16.34
CA ASP A 394 -18.15 14.42 -17.02
C ASP A 394 -17.84 14.08 -18.48
N PHE A 395 -17.24 12.91 -18.69
CA PHE A 395 -16.89 12.48 -20.04
C PHE A 395 -18.15 12.31 -20.90
N CYS A 396 -19.24 11.86 -20.30
CA CYS A 396 -20.49 11.68 -21.05
C CYS A 396 -21.07 13.04 -21.45
N LYS A 397 -20.95 14.03 -20.57
CA LYS A 397 -21.45 15.37 -20.85
C LYS A 397 -20.63 15.99 -21.97
N GLN A 398 -19.31 15.82 -21.89
CA GLN A 398 -18.41 16.37 -22.90
C GLN A 398 -18.65 15.70 -24.25
N ASN A 399 -18.89 14.40 -24.22
CA ASN A 399 -19.14 13.65 -25.44
C ASN A 399 -20.39 14.20 -26.14
N GLN A 400 -21.42 14.51 -25.36
CA GLN A 400 -22.65 15.07 -25.90
C GLN A 400 -22.41 16.46 -26.52
N GLU A 401 -21.65 17.29 -25.81
CA GLU A 401 -21.33 18.65 -26.29
C GLU A 401 -20.52 18.60 -27.58
N ALA A 402 -19.54 17.69 -27.62
CA ALA A 402 -18.69 17.55 -28.79
C ALA A 402 -19.50 17.09 -30.00
N SER A 403 -20.37 16.10 -29.80
CA SER A 403 -21.21 15.62 -30.89
C SER A 403 -22.10 16.75 -31.40
N SER A 404 -22.71 17.50 -30.49
CA SER A 404 -23.57 18.61 -30.89
C SER A 404 -22.81 19.59 -31.77
N ASP A 405 -21.60 19.97 -31.36
CA ASP A 405 -20.79 20.92 -32.14
C ASP A 405 -20.47 20.39 -33.53
N ARG A 406 -20.00 19.15 -33.60
CA ARG A 406 -19.65 18.52 -34.86
C ARG A 406 -20.85 18.50 -35.81
N CYS A 407 -21.97 17.99 -35.33
CA CYS A 407 -23.17 17.90 -36.17
C CYS A 407 -23.72 19.25 -36.58
N SER A 408 -23.75 20.21 -35.66
CA SER A 408 -24.26 21.53 -35.98
C SER A 408 -23.43 22.18 -37.08
N GLY A 409 -22.13 21.90 -37.07
CA GLY A 409 -21.24 22.45 -38.07
C GLY A 409 -21.48 21.80 -39.43
N LEU A 410 -21.59 20.48 -39.45
CA LEU A 410 -21.84 19.74 -40.68
C LEU A 410 -23.19 20.12 -41.26
N LEU A 411 -24.15 20.42 -40.38
CA LEU A 411 -25.49 20.80 -40.78
C LEU A 411 -25.40 22.09 -41.60
N GLN A 412 -24.63 23.04 -41.09
CA GLN A 412 -24.44 24.33 -41.74
C GLN A 412 -23.73 24.18 -43.08
N VAL A 413 -22.65 23.41 -43.08
CA VAL A 413 -21.88 23.16 -44.30
C VAL A 413 -22.70 22.48 -45.39
N ILE A 414 -23.43 21.43 -45.02
CA ILE A 414 -24.22 20.67 -45.97
C ILE A 414 -25.52 21.33 -46.45
N PHE A 415 -26.27 21.94 -45.54
CA PHE A 415 -27.55 22.54 -45.89
C PHE A 415 -27.63 24.04 -46.18
N SER A 416 -26.59 24.79 -45.87
CA SER A 416 -26.62 26.24 -46.13
C SER A 416 -26.92 26.57 -47.59
N PRO A 417 -26.29 25.85 -48.54
CA PRO A 417 -26.54 26.14 -49.96
C PRO A 417 -28.03 26.06 -50.29
N LEU A 418 -28.66 24.96 -49.90
CA LEU A 418 -30.09 24.75 -50.14
C LEU A 418 -30.90 25.89 -49.55
N GLU A 419 -30.51 26.33 -48.36
CA GLU A 419 -31.21 27.41 -47.69
C GLU A 419 -31.14 28.70 -48.50
N GLU A 420 -29.99 28.94 -49.14
CA GLU A 420 -29.82 30.14 -49.94
C GLU A 420 -30.58 30.03 -51.25
N GLU A 421 -30.74 28.80 -51.74
CA GLU A 421 -31.48 28.58 -52.97
C GLU A 421 -32.94 28.86 -52.71
N VAL A 422 -33.45 28.38 -51.58
CA VAL A 422 -34.83 28.60 -51.22
C VAL A 422 -35.14 30.08 -51.07
N LYS A 423 -34.22 30.81 -50.44
CA LYS A 423 -34.40 32.25 -50.25
C LYS A 423 -34.45 32.97 -51.59
N ALA A 424 -33.60 32.55 -52.52
CA ALA A 424 -33.56 33.16 -53.85
C ALA A 424 -34.79 32.82 -54.66
N GLY A 425 -35.60 31.88 -54.16
CA GLY A 425 -36.81 31.49 -54.85
C GLY A 425 -36.60 30.52 -56.00
N ILE A 426 -35.54 29.73 -55.92
CA ILE A 426 -35.24 28.76 -56.97
C ILE A 426 -36.27 27.63 -57.02
N TYR A 427 -36.98 27.40 -55.92
CA TYR A 427 -37.98 26.33 -55.88
C TYR A 427 -39.42 26.85 -55.97
N SER A 428 -39.55 28.17 -56.07
CA SER A 428 -40.86 28.80 -56.19
C SER A 428 -41.22 28.84 -57.67
N LYS A 429 -41.59 27.68 -58.20
CA LYS A 429 -41.93 27.56 -59.60
C LYS A 429 -42.67 26.23 -59.80
N PRO A 430 -43.29 26.03 -60.97
CA PRO A 430 -44.00 24.78 -61.22
C PRO A 430 -43.09 23.55 -61.07
N GLY A 431 -43.52 22.61 -60.22
CA GLY A 431 -42.75 21.41 -60.00
C GLY A 431 -41.57 21.64 -59.07
N GLY A 432 -41.52 22.83 -58.47
CA GLY A 432 -40.45 23.16 -57.57
C GLY A 432 -40.40 22.31 -56.31
N TYR A 433 -41.55 21.79 -55.89
CA TYR A 433 -41.58 20.98 -54.68
C TYR A 433 -40.82 19.66 -54.82
N ARG A 434 -41.07 18.94 -55.92
CA ARG A 434 -40.40 17.66 -56.12
C ARG A 434 -38.89 17.75 -56.31
N LEU A 435 -38.41 18.88 -56.82
CA LEU A 435 -36.97 19.06 -57.00
C LEU A 435 -36.36 19.40 -55.64
N PHE A 436 -37.16 20.03 -54.78
CA PHE A 436 -36.71 20.40 -53.45
C PHE A 436 -36.60 19.15 -52.59
N VAL A 437 -37.67 18.35 -52.58
CA VAL A 437 -37.68 17.12 -51.78
C VAL A 437 -36.53 16.20 -52.15
N GLN A 438 -36.23 16.08 -53.44
CA GLN A 438 -35.15 15.20 -53.86
C GLN A 438 -33.80 15.75 -53.43
N LYS A 439 -33.64 17.07 -53.50
CA LYS A 439 -32.40 17.72 -53.10
C LYS A 439 -32.22 17.49 -51.61
N LEU A 440 -33.31 17.70 -50.86
CA LEU A 440 -33.31 17.53 -49.42
C LEU A 440 -32.90 16.11 -49.03
N GLN A 441 -33.54 15.12 -49.63
CA GLN A 441 -33.23 13.73 -49.35
C GLN A 441 -31.76 13.44 -49.61
N ASP A 442 -31.24 13.96 -50.72
CA ASP A 442 -29.84 13.76 -51.09
C ASP A 442 -28.90 14.36 -50.05
N LEU A 443 -29.29 15.49 -49.45
CA LEU A 443 -28.44 16.13 -48.46
C LEU A 443 -28.50 15.37 -47.13
N LYS A 444 -29.66 14.82 -46.80
CA LYS A 444 -29.81 14.05 -45.57
C LYS A 444 -28.87 12.87 -45.70
N LYS A 445 -28.87 12.26 -46.88
CA LYS A 445 -28.00 11.12 -47.14
C LYS A 445 -26.54 11.52 -46.92
N LYS A 446 -26.15 12.67 -47.45
CA LYS A 446 -24.79 13.15 -47.28
C LYS A 446 -24.45 13.33 -45.80
N TYR A 447 -25.40 13.87 -45.04
CA TYR A 447 -25.22 14.10 -43.61
C TYR A 447 -24.94 12.77 -42.90
N TYR A 448 -25.79 11.78 -43.17
CA TYR A 448 -25.64 10.46 -42.56
C TYR A 448 -24.34 9.78 -42.95
N GLU A 449 -23.79 10.17 -44.09
CA GLU A 449 -22.55 9.57 -44.57
C GLU A 449 -21.31 10.18 -43.91
N GLU A 450 -21.45 11.31 -43.25
CA GLU A 450 -20.32 11.95 -42.56
C GLU A 450 -19.90 11.02 -41.42
N PRO A 451 -18.59 10.84 -41.21
CA PRO A 451 -18.10 9.96 -40.14
C PRO A 451 -18.08 10.49 -38.71
N ARG A 452 -18.18 9.55 -37.79
CA ARG A 452 -18.11 9.81 -36.35
C ARG A 452 -18.79 11.12 -35.94
N LYS A 453 -20.09 11.21 -36.21
CA LYS A 453 -20.83 12.42 -35.84
C LYS A 453 -21.17 12.38 -34.35
N GLY A 454 -21.25 11.18 -33.79
CA GLY A 454 -21.56 11.07 -32.37
C GLY A 454 -23.03 10.83 -32.03
N ILE A 455 -23.30 10.68 -30.74
CA ILE A 455 -24.65 10.39 -30.25
C ILE A 455 -25.76 11.42 -30.52
N GLN A 456 -25.39 12.65 -30.87
CA GLN A 456 -26.40 13.68 -31.13
C GLN A 456 -26.82 13.83 -32.59
N ALA A 457 -26.27 12.98 -33.45
CA ALA A 457 -26.56 13.04 -34.88
C ALA A 457 -28.05 13.15 -35.21
N GLU A 458 -28.86 12.24 -34.69
CA GLU A 458 -30.29 12.24 -34.95
C GLU A 458 -31.05 13.44 -34.40
N GLU A 459 -30.81 13.74 -33.14
CA GLU A 459 -31.47 14.87 -32.49
C GLU A 459 -31.18 16.18 -33.22
N ILE A 460 -29.92 16.38 -33.59
CA ILE A 460 -29.51 17.59 -34.30
C ILE A 460 -30.21 17.75 -35.64
N LEU A 461 -30.22 16.70 -36.46
CA LEU A 461 -30.87 16.75 -37.77
C LEU A 461 -32.38 16.93 -37.68
N GLN A 462 -33.04 16.15 -36.84
CA GLN A 462 -34.49 16.24 -36.71
C GLN A 462 -34.94 17.60 -36.19
N THR A 463 -34.16 18.17 -35.28
CA THR A 463 -34.51 19.49 -34.77
C THR A 463 -34.39 20.49 -35.90
N TYR A 464 -33.41 20.27 -36.77
CA TYR A 464 -33.21 21.15 -37.91
C TYR A 464 -34.36 21.02 -38.88
N LEU A 465 -34.65 19.78 -39.27
CA LEU A 465 -35.74 19.50 -40.20
C LEU A 465 -37.07 20.00 -39.65
N LYS A 466 -37.28 19.85 -38.35
CA LYS A 466 -38.51 20.30 -37.71
C LYS A 466 -38.70 21.80 -37.93
N SER A 467 -37.61 22.55 -37.82
CA SER A 467 -37.65 24.00 -37.98
C SER A 467 -37.85 24.46 -39.44
N LYS A 468 -37.68 23.56 -40.39
CA LYS A 468 -37.86 23.92 -41.80
C LYS A 468 -39.19 23.42 -42.34
N GLU A 469 -39.87 22.62 -41.53
CA GLU A 469 -41.16 22.04 -41.87
C GLU A 469 -42.14 23.05 -42.47
N SER A 470 -42.26 24.21 -41.82
CA SER A 470 -43.14 25.25 -42.30
C SER A 470 -42.70 25.74 -43.68
N MET A 471 -41.41 26.02 -43.82
CA MET A 471 -40.85 26.50 -45.07
C MET A 471 -41.05 25.49 -46.20
N THR A 472 -40.96 24.20 -45.86
CA THR A 472 -41.14 23.15 -46.84
C THR A 472 -42.59 23.04 -47.30
N ASP A 473 -43.50 23.12 -46.35
CA ASP A 473 -44.92 23.04 -46.67
C ASP A 473 -45.30 24.15 -47.64
N ALA A 474 -44.73 25.34 -47.41
CA ALA A 474 -45.01 26.50 -48.26
C ALA A 474 -44.72 26.19 -49.72
N ILE A 475 -43.55 25.60 -49.98
CA ILE A 475 -43.16 25.26 -51.34
C ILE A 475 -44.17 24.27 -51.93
N LEU A 476 -44.66 23.37 -51.09
CA LEU A 476 -45.63 22.37 -51.52
C LEU A 476 -46.95 23.03 -51.90
N GLN A 477 -47.54 23.73 -50.95
CA GLN A 477 -48.82 24.41 -51.17
C GLN A 477 -48.74 25.44 -52.29
N THR A 478 -47.52 25.84 -52.65
CA THR A 478 -47.32 26.83 -53.71
C THR A 478 -47.14 26.20 -55.09
N ASP A 479 -46.74 24.93 -55.11
CA ASP A 479 -46.51 24.23 -56.37
C ASP A 479 -47.85 23.97 -57.08
N GLN A 480 -48.11 24.75 -58.11
CA GLN A 480 -49.36 24.65 -58.86
C GLN A 480 -49.47 23.43 -59.78
N THR A 481 -48.43 22.59 -59.80
CA THR A 481 -48.45 21.39 -60.64
C THR A 481 -48.96 20.17 -59.89
N LEU A 482 -49.23 20.33 -58.59
CA LEU A 482 -49.71 19.21 -57.79
C LEU A 482 -51.21 19.32 -57.48
N THR A 483 -51.90 18.19 -57.56
CA THR A 483 -53.33 18.19 -57.27
C THR A 483 -53.53 18.34 -55.77
N GLU A 484 -54.72 18.73 -55.38
CA GLU A 484 -55.03 18.90 -53.96
C GLU A 484 -54.86 17.61 -53.18
N LYS A 485 -55.24 16.48 -53.79
CA LYS A 485 -55.12 15.19 -53.12
C LYS A 485 -53.66 14.82 -52.92
N GLU A 486 -52.84 15.06 -53.95
CA GLU A 486 -51.41 14.75 -53.85
C GLU A 486 -50.78 15.54 -52.71
N LYS A 487 -51.14 16.81 -52.56
CA LYS A 487 -50.61 17.64 -51.50
C LYS A 487 -51.05 17.08 -50.15
N GLU A 488 -52.32 16.70 -50.08
CA GLU A 488 -52.89 16.13 -48.87
C GLU A 488 -52.08 14.90 -48.48
N ILE A 489 -51.73 14.09 -49.47
CA ILE A 489 -50.95 12.87 -49.23
C ILE A 489 -49.54 13.22 -48.76
N GLU A 490 -48.92 14.19 -49.43
CA GLU A 490 -47.56 14.62 -49.08
C GLU A 490 -47.51 15.12 -47.64
N VAL A 491 -48.46 15.96 -47.26
CA VAL A 491 -48.50 16.49 -45.90
C VAL A 491 -48.56 15.36 -44.89
N GLU A 492 -49.39 14.36 -45.16
CA GLU A 492 -49.56 13.22 -44.28
C GLU A 492 -48.28 12.38 -44.20
N ARG A 493 -47.65 12.14 -45.35
CA ARG A 493 -46.42 11.36 -45.38
C ARG A 493 -45.40 12.00 -44.46
N VAL A 494 -45.14 13.29 -44.69
CA VAL A 494 -44.19 14.05 -43.88
C VAL A 494 -44.58 13.96 -42.40
N LYS A 495 -45.89 13.92 -42.15
CA LYS A 495 -46.38 13.83 -40.78
C LYS A 495 -46.00 12.48 -40.18
N ALA A 496 -46.17 11.43 -40.98
CA ALA A 496 -45.85 10.07 -40.54
C ALA A 496 -44.34 9.91 -40.36
N GLU A 497 -43.60 10.45 -41.31
CA GLU A 497 -42.13 10.39 -41.30
C GLU A 497 -41.60 11.06 -40.04
N SER A 498 -42.22 12.17 -39.65
CA SER A 498 -41.81 12.91 -38.47
C SER A 498 -42.11 12.14 -37.19
N ALA A 499 -43.25 11.48 -37.14
CA ALA A 499 -43.65 10.71 -35.97
C ALA A 499 -42.72 9.52 -35.80
N GLN A 500 -42.27 8.97 -36.92
CA GLN A 500 -41.34 7.84 -36.90
C GLN A 500 -40.05 8.30 -36.25
N ALA A 501 -39.57 9.47 -36.68
CA ALA A 501 -38.33 10.04 -36.15
C ALA A 501 -38.41 10.24 -34.64
N SER A 502 -39.44 10.93 -34.17
CA SER A 502 -39.59 11.15 -32.74
C SER A 502 -39.65 9.82 -32.01
N ALA A 503 -40.20 8.82 -32.69
CA ALA A 503 -40.31 7.47 -32.12
C ALA A 503 -38.92 6.91 -31.87
N LYS A 504 -38.07 6.93 -32.90
CA LYS A 504 -36.71 6.42 -32.78
C LYS A 504 -35.94 7.12 -31.65
N MET A 505 -35.89 8.44 -31.68
CA MET A 505 -35.18 9.20 -30.66
C MET A 505 -35.61 8.83 -29.26
N LEU A 506 -36.91 8.57 -29.07
CA LEU A 506 -37.40 8.20 -27.75
C LEU A 506 -36.79 6.86 -27.35
N HIS A 507 -36.79 5.91 -28.27
CA HIS A 507 -36.20 4.60 -28.00
C HIS A 507 -34.73 4.75 -27.64
N GLU A 508 -33.96 5.35 -28.55
CA GLU A 508 -32.53 5.56 -28.33
C GLU A 508 -32.26 6.25 -26.99
N MET A 509 -33.20 7.07 -26.55
CA MET A 509 -33.04 7.76 -25.27
C MET A 509 -33.21 6.75 -24.13
N GLN A 510 -34.15 5.83 -24.29
CA GLN A 510 -34.39 4.81 -23.27
C GLN A 510 -33.20 3.85 -23.27
N ARG A 511 -32.71 3.54 -24.46
CA ARG A 511 -31.58 2.64 -24.62
C ARG A 511 -30.34 3.18 -23.90
N LYS A 512 -30.10 4.48 -24.04
CA LYS A 512 -28.94 5.10 -23.39
C LYS A 512 -29.06 5.04 -21.88
N ASN A 513 -30.28 5.27 -21.38
CA ASN A 513 -30.51 5.21 -19.94
C ASN A 513 -30.25 3.81 -19.41
N GLU A 514 -30.51 2.81 -20.25
CA GLU A 514 -30.27 1.43 -19.85
C GLU A 514 -28.78 1.12 -19.86
N GLN A 515 -28.07 1.68 -20.83
CA GLN A 515 -26.63 1.49 -20.95
C GLN A 515 -25.89 2.11 -19.76
N MET A 516 -26.41 3.24 -19.28
CA MET A 516 -25.82 3.94 -18.16
C MET A 516 -26.04 3.16 -16.86
N MET A 517 -27.26 2.70 -16.66
CA MET A 517 -27.58 1.92 -15.46
C MET A 517 -26.79 0.61 -15.47
N GLU A 518 -26.54 0.10 -16.66
CA GLU A 518 -25.78 -1.15 -16.82
C GLU A 518 -24.33 -0.93 -16.38
N GLN A 519 -23.69 0.09 -16.96
CA GLN A 519 -22.30 0.39 -16.63
C GLN A 519 -22.13 0.69 -15.14
N LYS A 520 -23.14 1.31 -14.55
CA LYS A 520 -23.12 1.65 -13.13
C LYS A 520 -23.05 0.36 -12.31
N GLU A 521 -23.81 -0.65 -12.74
CA GLU A 521 -23.82 -1.95 -12.06
C GLU A 521 -22.48 -2.64 -12.27
N ARG A 522 -21.95 -2.57 -13.49
CA ARG A 522 -20.67 -3.20 -13.77
C ARG A 522 -19.56 -2.59 -12.92
N SER A 523 -19.52 -1.26 -12.81
CA SER A 523 -18.50 -0.60 -12.00
C SER A 523 -18.60 -1.05 -10.56
N TYR A 524 -19.82 -1.04 -10.02
CA TYR A 524 -20.08 -1.47 -8.64
C TYR A 524 -19.57 -2.90 -8.43
N GLN A 525 -19.82 -3.76 -9.41
CA GLN A 525 -19.39 -5.15 -9.30
C GLN A 525 -17.88 -5.30 -9.51
N GLU A 526 -17.27 -4.42 -10.29
CA GLU A 526 -15.82 -4.51 -10.53
C GLU A 526 -15.04 -4.16 -9.26
N HIS A 527 -15.51 -3.15 -8.52
CA HIS A 527 -14.85 -2.76 -7.27
C HIS A 527 -14.90 -3.92 -6.28
N LEU A 528 -16.08 -4.55 -6.17
CA LEU A 528 -16.23 -5.68 -5.25
C LEU A 528 -15.39 -6.88 -5.65
N LYS A 529 -15.29 -7.12 -6.96
CA LYS A 529 -14.52 -8.25 -7.46
C LYS A 529 -13.03 -8.14 -7.12
N GLN A 530 -12.46 -6.97 -7.34
CA GLN A 530 -11.04 -6.80 -7.03
C GLN A 530 -10.78 -6.75 -5.52
N LEU A 531 -11.72 -6.18 -4.76
CA LEU A 531 -11.56 -6.10 -3.31
C LEU A 531 -11.63 -7.51 -2.73
N THR A 532 -12.64 -8.27 -3.17
CA THR A 532 -12.79 -9.64 -2.69
C THR A 532 -11.53 -10.46 -2.92
N GLU A 533 -10.92 -10.30 -4.09
CA GLU A 533 -9.67 -11.01 -4.40
C GLU A 533 -8.57 -10.60 -3.43
N LYS A 534 -8.44 -9.30 -3.18
CA LYS A 534 -7.41 -8.79 -2.28
C LYS A 534 -7.60 -9.31 -0.86
N MET A 535 -8.85 -9.34 -0.40
CA MET A 535 -9.14 -9.82 0.93
C MET A 535 -8.81 -11.31 1.05
N GLU A 536 -9.02 -12.04 -0.03
CA GLU A 536 -8.70 -13.48 -0.04
C GLU A 536 -7.19 -13.62 0.09
N ASN A 537 -6.44 -12.83 -0.69
CA ASN A 537 -4.98 -12.89 -0.60
C ASN A 537 -4.53 -12.48 0.79
N ASP A 538 -5.20 -11.49 1.38
CA ASP A 538 -4.85 -11.05 2.72
C ASP A 538 -5.16 -12.16 3.74
N ARG A 539 -6.28 -12.85 3.56
CA ARG A 539 -6.66 -13.95 4.47
C ARG A 539 -5.60 -15.05 4.45
N VAL A 540 -5.16 -15.41 3.26
CA VAL A 540 -4.14 -16.44 3.08
C VAL A 540 -2.81 -16.06 3.73
N GLN A 541 -2.43 -14.80 3.55
CA GLN A 541 -1.18 -14.27 4.12
C GLN A 541 -1.22 -14.32 5.64
N LEU A 542 -2.33 -13.91 6.21
CA LEU A 542 -2.48 -13.91 7.66
C LEU A 542 -2.42 -15.33 8.23
N LEU A 543 -3.07 -16.27 7.53
CA LEU A 543 -3.09 -17.67 7.97
C LEU A 543 -1.67 -18.21 8.01
N LYS A 544 -0.89 -17.90 6.97
CA LYS A 544 0.49 -18.35 6.89
C LYS A 544 1.25 -17.79 8.10
N GLU A 545 1.04 -16.52 8.41
CA GLU A 545 1.69 -15.90 9.55
C GLU A 545 1.29 -16.59 10.86
N GLN A 546 0.01 -16.87 11.01
CA GLN A 546 -0.48 -17.51 12.23
C GLN A 546 0.02 -18.95 12.39
N GLU A 547 0.14 -19.67 11.28
CA GLU A 547 0.62 -21.05 11.33
C GLU A 547 2.07 -21.04 11.80
N ARG A 548 2.81 -20.04 11.36
CA ARG A 548 4.21 -19.90 11.75
C ARG A 548 4.30 -19.69 13.26
N THR A 549 3.51 -18.75 13.76
CA THR A 549 3.48 -18.44 15.18
C THR A 549 3.10 -19.70 15.97
N LEU A 550 2.04 -20.38 15.51
CA LEU A 550 1.57 -21.61 16.15
C LEU A 550 2.66 -22.68 16.27
N ALA A 551 3.38 -22.94 15.18
CA ALA A 551 4.45 -23.93 15.19
C ALA A 551 5.54 -23.56 16.19
N LEU A 552 5.89 -22.28 16.26
CA LEU A 552 6.92 -21.81 17.19
C LEU A 552 6.46 -21.95 18.64
N LYS A 553 5.21 -21.59 18.91
CA LYS A 553 4.70 -21.69 20.26
C LYS A 553 4.57 -23.15 20.69
N LEU A 554 4.21 -24.02 19.76
CA LEU A 554 4.09 -25.44 20.06
C LEU A 554 5.45 -26.03 20.44
N GLN A 555 6.48 -25.66 19.68
CA GLN A 555 7.83 -26.15 19.96
C GLN A 555 8.26 -25.76 21.38
N GLU A 556 8.09 -24.49 21.73
CA GLU A 556 8.44 -24.01 23.07
C GLU A 556 7.59 -24.65 24.16
N GLN A 557 6.28 -24.69 23.91
CA GLN A 557 5.32 -25.23 24.84
C GLN A 557 5.64 -26.68 25.21
N GLU A 558 5.93 -27.50 24.21
CA GLU A 558 6.26 -28.89 24.41
C GLU A 558 7.57 -29.08 25.14
N GLN A 559 8.51 -28.15 24.92
CA GLN A 559 9.80 -28.23 25.60
C GLN A 559 9.57 -28.01 27.08
N LEU A 560 8.86 -26.93 27.42
CA LEU A 560 8.57 -26.63 28.81
C LEU A 560 7.88 -27.82 29.45
N LEU A 561 7.00 -28.46 28.69
CA LEU A 561 6.26 -29.62 29.18
C LEU A 561 7.24 -30.73 29.54
N LYS A 562 8.07 -31.12 28.57
CA LYS A 562 9.07 -32.17 28.79
C LYS A 562 9.99 -31.82 29.96
N GLU A 563 10.37 -30.55 30.05
CA GLU A 563 11.24 -30.09 31.13
C GLU A 563 10.48 -30.09 32.46
N GLY A 564 9.23 -30.51 32.40
CA GLY A 564 8.42 -30.59 33.61
C GLY A 564 7.91 -29.28 34.18
N PHE A 565 7.97 -28.20 33.40
CA PHE A 565 7.46 -26.93 33.89
C PHE A 565 6.00 -26.81 33.49
N GLN A 566 5.20 -27.60 34.19
CA GLN A 566 3.76 -27.69 34.01
C GLN A 566 3.03 -26.35 33.95
N LYS A 567 3.30 -25.47 34.91
CA LYS A 567 2.65 -24.16 34.93
C LYS A 567 2.91 -23.36 33.66
N GLU A 568 4.18 -23.16 33.33
CA GLU A 568 4.53 -22.38 32.14
C GLU A 568 4.05 -23.05 30.86
N SER A 569 4.05 -24.38 30.84
CA SER A 569 3.60 -25.13 29.68
C SER A 569 2.11 -24.91 29.48
N ARG A 570 1.36 -24.87 30.58
CA ARG A 570 -0.07 -24.66 30.50
C ARG A 570 -0.38 -23.23 30.06
N ILE A 571 0.45 -22.28 30.50
CA ILE A 571 0.26 -20.89 30.14
C ILE A 571 0.39 -20.77 28.63
N MET A 572 1.41 -21.39 28.07
CA MET A 572 1.62 -21.34 26.63
C MET A 572 0.54 -22.11 25.88
N LYS A 573 -0.03 -23.12 26.54
CA LYS A 573 -1.10 -23.88 25.91
C LYS A 573 -2.31 -22.95 25.76
N ASN A 574 -2.49 -22.07 26.74
CA ASN A 574 -3.58 -21.12 26.71
C ASN A 574 -3.34 -20.10 25.59
N GLU A 575 -2.08 -19.71 25.40
CA GLU A 575 -1.71 -18.76 24.36
C GLU A 575 -2.02 -19.39 23.01
N ILE A 576 -1.66 -20.66 22.87
CA ILE A 576 -1.89 -21.41 21.65
C ILE A 576 -3.38 -21.53 21.35
N GLN A 577 -4.18 -21.79 22.38
CA GLN A 577 -5.62 -21.92 22.20
C GLN A 577 -6.26 -20.61 21.73
N ASP A 578 -5.86 -19.49 22.31
CA ASP A 578 -6.41 -18.20 21.90
C ASP A 578 -6.12 -18.01 20.40
N LEU A 579 -4.88 -18.28 20.01
CA LEU A 579 -4.47 -18.14 18.61
C LEU A 579 -5.29 -19.03 17.69
N GLN A 580 -5.44 -20.30 18.06
CA GLN A 580 -6.18 -21.25 17.24
C GLN A 580 -7.64 -20.87 17.07
N THR A 581 -8.22 -20.26 18.10
CA THR A 581 -9.62 -19.83 18.01
C THR A 581 -9.69 -18.76 16.91
N LYS A 582 -8.78 -17.78 16.98
CA LYS A 582 -8.74 -16.70 16.01
C LYS A 582 -8.55 -17.22 14.59
N MET A 583 -7.74 -18.27 14.45
CA MET A 583 -7.47 -18.85 13.13
C MET A 583 -8.73 -19.41 12.48
#